data_4AYO
#
_entry.id   4AYO
#
_cell.length_a   143.770
_cell.length_b   143.770
_cell.length_c   50.155
_cell.angle_alpha   90.00
_cell.angle_beta   90.00
_cell.angle_gamma   120.00
#
_symmetry.space_group_name_H-M   'H 3'
#
loop_
_entity.id
_entity.type
_entity.pdbx_description
1 polymer 'MANNOSYL-OLIGOSACCHARIDE 1,2-ALPHA-MANNOSIDASE'
2 non-polymer 'CALCIUM ION'
3 non-polymer 'SODIUM ION'
4 non-polymer 2-[BIS-(2-HYDROXY-ETHYL)-AMINO]-2-HYDROXYMETHYL-PROPANE-1,3-DIOL
5 water water
#
_entity_poly.entity_id   1
_entity_poly.type   'polypeptide(L)'
_entity_poly.pdbx_seq_one_letter_code
;MASETTPEDWKALAADVRSEFQWAWQGYVAKAWGKDEINPVSGTSRSFFIEGHDLGLSLVEALDTLWIMGLDAEFQAGVD
WVKANLSFDVDGNAQVFETNIRLVGGLLSAHLASGDPVLLAKARDLADRLAKAFEASPHGLPWRYVNLRTGAVSDPETNL
AEIGTYLSEFGVLSQLTGERKYFDMAKRAMRHTLDRRSKIGLMAANIHAMTGAFTSRNASIDVYADSFYEYLWDAWALFG
DEDCKRWAVECVDAQLAHQAKRYDGRLWFPMVDFETGAVTGTAQSELAAYYAGLLGQVGRKAQGDDYLASFTYLQATFGV
IPESIDVTTGQPRRKHTGLRPEYPDACLNLWLIDRDPRYRRLAAIHYREMKATSRAAFGYTALKDITTRPMTQDDNCPGY
WWSEQMKYYYLLFSDTPRIDYGQLQLSTEANVLRGFRKVLEHHHHHH
;
_entity_poly.pdbx_strand_id   A
#
# COMPACT_ATOMS: atom_id res chain seq x y z
N THR A 6 3.24 24.39 -24.13
CA THR A 6 4.64 23.93 -23.89
C THR A 6 4.66 22.52 -23.26
N PRO A 7 5.45 21.60 -23.83
CA PRO A 7 5.50 20.23 -23.29
C PRO A 7 6.04 20.19 -21.86
N GLU A 8 5.50 19.31 -21.04
CA GLU A 8 5.96 19.19 -19.68
C GLU A 8 7.43 18.78 -19.64
N ASP A 9 8.22 19.49 -18.87
CA ASP A 9 9.60 19.09 -18.61
C ASP A 9 9.56 18.12 -17.43
N TRP A 10 9.55 16.83 -17.74
CA TRP A 10 9.42 15.81 -16.71
C TRP A 10 10.57 15.80 -15.75
N LYS A 11 11.78 16.07 -16.24
CA LYS A 11 12.94 16.07 -15.36
C LYS A 11 12.88 17.21 -14.35
N ALA A 12 12.41 18.37 -14.79
CA ALA A 12 12.21 19.48 -13.87
C ALA A 12 11.12 19.14 -12.84
N LEU A 13 10.06 18.47 -13.26
CA LEU A 13 9.01 18.11 -12.32
C LEU A 13 9.53 17.09 -11.30
N ALA A 14 10.33 16.12 -11.76
CA ALA A 14 10.97 15.19 -10.83
C ALA A 14 11.83 15.91 -9.80
N ALA A 15 12.59 16.91 -10.27
CA ALA A 15 13.45 17.67 -9.36
C ALA A 15 12.60 18.41 -8.33
N ASP A 16 11.44 18.89 -8.74
CA ASP A 16 10.52 19.54 -7.83
C ASP A 16 9.99 18.57 -6.75
N VAL A 17 9.60 17.36 -7.19
CA VAL A 17 9.15 16.34 -6.25
C VAL A 17 10.26 16.07 -5.23
N ARG A 18 11.50 15.88 -5.70
CA ARG A 18 12.62 15.63 -4.82
C ARG A 18 12.84 16.78 -3.83
N SER A 19 12.78 18.01 -4.32
CA SER A 19 12.93 19.19 -3.47
CA SER A 19 12.95 19.17 -3.46
CA SER A 19 12.98 19.15 -3.44
C SER A 19 11.87 19.23 -2.38
N GLU A 20 10.63 18.96 -2.76
CA GLU A 20 9.52 18.94 -1.80
C GLU A 20 9.70 17.81 -0.77
N PHE A 21 10.17 16.65 -1.24
CA PHE A 21 10.37 15.54 -0.33
C PHE A 21 11.47 15.85 0.68
N GLN A 22 12.57 16.43 0.20
CA GLN A 22 13.65 16.82 1.09
C GLN A 22 13.18 17.87 2.11
N TRP A 23 12.38 18.84 1.66
CA TRP A 23 11.82 19.84 2.54
C TRP A 23 10.94 19.19 3.61
N ALA A 24 10.09 18.24 3.20
CA ALA A 24 9.26 17.53 4.16
C ALA A 24 10.13 16.77 5.16
N TRP A 25 11.16 16.08 4.66
CA TRP A 25 12.08 15.35 5.54
C TRP A 25 12.69 16.29 6.58
N GLN A 26 13.10 17.49 6.17
CA GLN A 26 13.65 18.45 7.11
C GLN A 26 12.63 18.77 8.21
N GLY A 27 11.35 18.89 7.86
CA GLY A 27 10.31 19.10 8.86
C GLY A 27 10.21 17.94 9.84
N TYR A 28 10.26 16.71 9.30
CA TYR A 28 10.25 15.51 10.14
C TYR A 28 11.43 15.50 11.11
N VAL A 29 12.62 15.82 10.62
CA VAL A 29 13.80 15.86 11.48
C VAL A 29 13.62 16.91 12.58
N ALA A 30 13.06 18.07 12.22
CA ALA A 30 12.91 19.16 13.18
C ALA A 30 11.86 18.90 14.25
N LYS A 31 10.76 18.22 13.88
CA LYS A 31 9.58 18.17 14.74
C LYS A 31 9.23 16.77 15.24
N ALA A 32 9.72 15.72 14.59
CA ALA A 32 9.22 14.38 14.84
C ALA A 32 10.33 13.31 14.75
N TRP A 33 11.57 13.68 15.06
CA TRP A 33 12.67 12.76 14.82
C TRP A 33 12.53 11.50 15.65
N GLY A 34 12.55 10.34 15.00
CA GLY A 34 12.39 9.06 15.68
C GLY A 34 10.95 8.71 16.02
N LYS A 35 10.00 9.58 15.68
CA LYS A 35 8.61 9.38 16.02
C LYS A 35 7.85 8.81 14.83
N ASP A 36 6.65 8.30 15.08
CA ASP A 36 5.97 7.59 14.03
C ASP A 36 5.46 8.50 12.89
N GLU A 37 4.74 9.57 13.21
CA GLU A 37 4.21 10.46 12.20
C GLU A 37 4.37 11.90 12.64
N ILE A 38 4.60 12.77 11.67
CA ILE A 38 4.52 14.20 11.90
C ILE A 38 3.09 14.68 11.68
N ASN A 39 2.70 15.64 12.52
CA ASN A 39 1.50 16.46 12.39
C ASN A 39 2.02 17.83 11.91
N PRO A 40 1.99 18.08 10.60
CA PRO A 40 2.80 19.16 10.03
C PRO A 40 2.15 20.55 10.10
N VAL A 41 0.92 20.63 10.59
CA VAL A 41 0.28 21.92 10.82
C VAL A 41 0.68 22.44 12.22
N SER A 42 0.52 21.60 13.23
CA SER A 42 0.96 21.95 14.57
C SER A 42 2.48 21.86 14.74
N GLY A 43 3.15 21.07 13.91
CA GLY A 43 4.58 20.80 14.12
C GLY A 43 4.86 19.92 15.32
N THR A 44 4.08 18.85 15.46
CA THR A 44 4.22 17.89 16.54
C THR A 44 4.28 16.48 15.94
N SER A 45 4.41 15.48 16.80
CA SER A 45 4.43 14.09 16.35
C SER A 45 3.31 13.31 17.00
N ARG A 46 2.98 12.18 16.39
CA ARG A 46 2.07 11.21 17.00
C ARG A 46 2.61 9.80 16.81
N SER A 47 2.13 8.92 17.67
CA SER A 47 2.40 7.48 17.58
C SER A 47 1.43 6.83 16.59
N PHE A 48 1.86 5.69 16.03
CA PHE A 48 1.03 4.91 15.13
C PHE A 48 0.72 3.52 15.70
N PHE A 49 1.74 2.70 15.96
CA PHE A 49 1.47 1.31 16.35
C PHE A 49 1.06 1.18 17.80
N ILE A 50 1.84 1.81 18.68
CA ILE A 50 1.69 1.66 20.13
C ILE A 50 1.78 3.07 20.73
N GLU A 51 0.70 3.54 21.34
CA GLU A 51 0.69 4.90 21.86
C GLU A 51 1.82 5.09 22.87
N GLY A 52 2.62 6.12 22.64
CA GLY A 52 3.74 6.42 23.52
C GLY A 52 5.00 5.59 23.32
N HIS A 53 4.96 4.62 22.40
CA HIS A 53 6.15 3.81 22.08
CA HIS A 53 6.12 3.79 22.10
C HIS A 53 6.34 3.78 20.61
N ASP A 54 6.81 4.91 20.10
CA ASP A 54 7.01 5.08 18.68
C ASP A 54 8.14 4.16 18.21
N LEU A 55 8.09 3.85 16.91
CA LEU A 55 9.01 2.94 16.24
C LEU A 55 9.58 3.62 14.97
N GLY A 56 9.69 4.95 14.98
CA GLY A 56 10.28 5.65 13.85
C GLY A 56 9.57 5.36 12.53
N LEU A 57 8.25 5.18 12.57
CA LEU A 57 7.54 4.69 11.38
C LEU A 57 7.87 5.50 10.12
N SER A 58 7.64 6.82 10.14
CA SER A 58 7.75 7.57 8.90
C SER A 58 9.20 7.60 8.38
N LEU A 59 10.15 7.61 9.32
CA LEU A 59 11.56 7.51 8.99
C LEU A 59 11.80 6.21 8.20
N VAL A 60 11.33 5.09 8.74
CA VAL A 60 11.52 3.81 8.07
C VAL A 60 10.83 3.80 6.71
N GLU A 61 9.59 4.32 6.65
CA GLU A 61 8.84 4.34 5.40
C GLU A 61 9.57 5.14 4.31
N ALA A 62 10.23 6.22 4.72
CA ALA A 62 10.88 7.14 3.80
C ALA A 62 12.17 6.58 3.19
N LEU A 63 12.78 5.58 3.81
CA LEU A 63 14.18 5.27 3.48
C LEU A 63 14.36 4.95 2.00
N ASP A 64 13.60 3.99 1.45
CA ASP A 64 13.86 3.67 0.05
C ASP A 64 13.58 4.84 -0.88
N THR A 65 12.56 5.65 -0.57
CA THR A 65 12.28 6.85 -1.35
C THR A 65 13.51 7.78 -1.38
N LEU A 66 14.07 8.03 -0.20
CA LEU A 66 15.24 8.91 -0.11
C LEU A 66 16.38 8.38 -0.99
N TRP A 67 16.65 7.08 -0.90
CA TRP A 67 17.74 6.51 -1.69
C TRP A 67 17.46 6.66 -3.18
N ILE A 68 16.24 6.34 -3.61
CA ILE A 68 15.90 6.40 -5.03
C ILE A 68 16.10 7.82 -5.57
N MET A 69 15.74 8.82 -4.75
CA MET A 69 15.89 10.22 -5.13
C MET A 69 17.32 10.74 -5.07
N GLY A 70 18.27 9.93 -4.61
CA GLY A 70 19.63 10.42 -4.47
C GLY A 70 19.77 11.40 -3.31
N LEU A 71 18.90 11.30 -2.31
CA LEU A 71 19.02 12.08 -1.08
C LEU A 71 19.84 11.22 -0.10
N ASP A 72 21.12 11.06 -0.44
CA ASP A 72 21.96 10.06 0.22
C ASP A 72 22.27 10.41 1.67
N ALA A 73 22.57 11.68 1.94
CA ALA A 73 22.86 12.07 3.32
C ALA A 73 21.65 11.82 4.21
N GLU A 74 20.46 12.13 3.69
CA GLU A 74 19.23 11.94 4.44
C GLU A 74 18.96 10.45 4.66
N PHE A 75 19.11 9.67 3.60
CA PHE A 75 18.99 8.22 3.69
C PHE A 75 19.88 7.66 4.78
N GLN A 76 21.17 8.06 4.74
CA GLN A 76 22.12 7.50 5.69
C GLN A 76 21.81 7.96 7.11
N ALA A 77 21.33 9.18 7.27
CA ALA A 77 20.91 9.63 8.62
C ALA A 77 19.79 8.74 9.14
N GLY A 78 18.83 8.40 8.29
CA GLY A 78 17.74 7.52 8.69
C GLY A 78 18.23 6.10 9.00
N VAL A 79 19.05 5.55 8.10
CA VAL A 79 19.60 4.23 8.34
C VAL A 79 20.37 4.18 9.65
N ASP A 80 21.19 5.20 9.89
CA ASP A 80 22.01 5.22 11.08
C ASP A 80 21.13 5.31 12.35
N TRP A 81 20.02 6.05 12.26
CA TRP A 81 19.08 6.08 13.38
C TRP A 81 18.51 4.69 13.63
N VAL A 82 18.09 4.01 12.57
CA VAL A 82 17.54 2.66 12.72
C VAL A 82 18.55 1.75 13.42
N LYS A 83 19.79 1.77 12.93
CA LYS A 83 20.80 0.87 13.45
C LYS A 83 21.08 1.13 14.93
N ALA A 84 21.07 2.38 15.36
CA ALA A 84 21.35 2.69 16.75
C ALA A 84 20.15 2.46 17.67
N ASN A 85 18.93 2.67 17.16
CA ASN A 85 17.77 2.91 18.01
C ASN A 85 16.60 1.96 17.88
N LEU A 86 16.40 1.33 16.72
CA LEU A 86 15.14 0.65 16.47
C LEU A 86 15.18 -0.77 16.99
N SER A 87 14.27 -1.10 17.89
CA SER A 87 14.14 -2.48 18.27
C SER A 87 12.68 -2.75 18.62
N PHE A 88 12.39 -4.03 18.63
CA PHE A 88 11.00 -4.51 18.66
C PHE A 88 10.68 -5.35 19.87
N ASP A 89 11.57 -5.34 20.87
CA ASP A 89 11.31 -6.05 22.10
C ASP A 89 10.48 -5.15 23.01
N VAL A 90 9.20 -5.04 22.68
CA VAL A 90 8.29 -4.06 23.26
C VAL A 90 7.03 -4.76 23.78
N ASP A 91 6.71 -4.53 25.05
CA ASP A 91 5.53 -5.13 25.67
C ASP A 91 4.30 -4.30 25.30
N GLY A 92 3.84 -4.49 24.07
CA GLY A 92 2.68 -3.78 23.55
C GLY A 92 2.18 -4.47 22.29
N ASN A 93 0.92 -4.21 21.96
CA ASN A 93 0.25 -4.84 20.84
C ASN A 93 0.49 -4.07 19.56
N ALA A 94 0.90 -4.79 18.52
CA ALA A 94 1.10 -4.24 17.19
C ALA A 94 0.16 -4.94 16.22
N GLN A 95 -0.42 -4.16 15.31
CA GLN A 95 -1.29 -4.69 14.28
C GLN A 95 -0.42 -5.37 13.23
N VAL A 96 -0.59 -6.68 13.07
CA VAL A 96 0.30 -7.52 12.28
C VAL A 96 0.43 -7.02 10.83
N PHE A 97 -0.72 -6.72 10.23
CA PHE A 97 -0.76 -6.28 8.83
C PHE A 97 0.07 -5.01 8.61
N GLU A 98 -0.23 -3.98 9.40
CA GLU A 98 0.45 -2.70 9.21
C GLU A 98 1.94 -2.83 9.53
N THR A 99 2.25 -3.61 10.55
CA THR A 99 3.63 -3.78 10.98
C THR A 99 4.45 -4.45 9.87
N ASN A 100 3.89 -5.49 9.26
CA ASN A 100 4.60 -6.14 8.17
C ASN A 100 4.82 -5.18 6.99
N ILE A 101 3.74 -4.60 6.48
CA ILE A 101 3.89 -3.88 5.21
C ILE A 101 4.71 -2.60 5.38
N ARG A 102 4.64 -1.98 6.57
CA ARG A 102 5.34 -0.72 6.78
C ARG A 102 6.77 -0.91 7.31
N LEU A 103 6.92 -1.70 8.36
CA LEU A 103 8.22 -1.82 9.03
C LEU A 103 9.04 -2.98 8.45
N VAL A 104 8.49 -4.20 8.33
CA VAL A 104 9.26 -5.25 7.69
C VAL A 104 9.61 -4.82 6.26
N GLY A 105 8.60 -4.37 5.51
CA GLY A 105 8.83 -3.98 4.13
C GLY A 105 9.73 -2.79 3.98
N GLY A 106 9.61 -1.80 4.89
CA GLY A 106 10.45 -0.61 4.80
C GLY A 106 11.91 -0.90 5.11
N LEU A 107 12.14 -1.81 6.06
CA LEU A 107 13.51 -2.25 6.35
C LEU A 107 14.07 -3.08 5.20
N LEU A 108 13.24 -3.94 4.58
CA LEU A 108 13.70 -4.74 3.46
C LEU A 108 14.11 -3.87 2.27
N SER A 109 13.29 -2.88 1.91
CA SER A 109 13.67 -2.05 0.77
C SER A 109 14.94 -1.26 1.08
N ALA A 110 15.07 -0.75 2.31
CA ALA A 110 16.30 -0.05 2.68
C ALA A 110 17.51 -1.00 2.66
N HIS A 111 17.31 -2.25 3.09
CA HIS A 111 18.36 -3.26 3.00
C HIS A 111 18.77 -3.54 1.57
N LEU A 112 17.79 -3.70 0.68
CA LEU A 112 18.11 -4.00 -0.72
C LEU A 112 18.84 -2.83 -1.38
N ALA A 113 18.50 -1.59 -1.02
CA ALA A 113 19.15 -0.43 -1.59
C ALA A 113 20.60 -0.31 -1.14
N SER A 114 20.85 -0.58 0.14
CA SER A 114 22.11 -0.28 0.80
C SER A 114 23.06 -1.45 0.96
N GLY A 115 22.51 -2.66 0.99
CA GLY A 115 23.22 -3.84 1.37
C GLY A 115 23.49 -4.03 2.86
N ASP A 116 22.98 -3.14 3.71
CA ASP A 116 23.41 -3.14 5.11
C ASP A 116 22.78 -4.33 5.85
N PRO A 117 23.60 -5.28 6.36
CA PRO A 117 23.01 -6.46 7.00
CA PRO A 117 23.01 -6.46 7.01
C PRO A 117 22.12 -6.16 8.21
N VAL A 118 22.38 -5.06 8.92
CA VAL A 118 21.62 -4.78 10.12
C VAL A 118 20.15 -4.57 9.78
N LEU A 119 19.87 -3.96 8.63
CA LEU A 119 18.49 -3.73 8.23
C LEU A 119 17.73 -5.04 7.98
N LEU A 120 18.42 -6.02 7.39
CA LEU A 120 17.84 -7.35 7.23
C LEU A 120 17.65 -8.05 8.60
N ALA A 121 18.66 -7.95 9.47
CA ALA A 121 18.52 -8.55 10.79
C ALA A 121 17.27 -8.02 11.50
N LYS A 122 17.05 -6.71 11.43
CA LYS A 122 15.91 -6.12 12.10
C LYS A 122 14.59 -6.52 11.43
N ALA A 123 14.56 -6.56 10.11
CA ALA A 123 13.36 -7.01 9.40
C ALA A 123 13.00 -8.44 9.82
N ARG A 124 14.00 -9.29 9.91
CA ARG A 124 13.79 -10.68 10.24
C ARG A 124 13.36 -10.86 11.70
N ASP A 125 13.97 -10.10 12.61
CA ASP A 125 13.56 -10.12 14.01
C ASP A 125 12.07 -9.77 14.13
N LEU A 126 11.65 -8.73 13.41
CA LEU A 126 10.27 -8.31 13.47
C LEU A 126 9.35 -9.39 12.88
N ALA A 127 9.74 -9.94 11.73
CA ALA A 127 8.93 -11.00 11.12
C ALA A 127 8.76 -12.19 12.06
N ASP A 128 9.81 -12.54 12.81
CA ASP A 128 9.69 -13.64 13.77
C ASP A 128 8.70 -13.32 14.88
N ARG A 129 8.62 -12.06 15.29
CA ARG A 129 7.61 -11.65 16.28
C ARG A 129 6.20 -11.74 15.69
N LEU A 130 6.06 -11.35 14.43
CA LEU A 130 4.77 -11.45 13.75
C LEU A 130 4.35 -12.89 13.50
N ALA A 131 5.32 -13.78 13.30
CA ALA A 131 5.02 -15.18 13.02
C ALA A 131 4.18 -15.80 14.14
N LYS A 132 4.33 -15.32 15.37
CA LYS A 132 3.55 -15.86 16.47
C LYS A 132 2.04 -15.69 16.24
N ALA A 133 1.65 -14.65 15.50
CA ALA A 133 0.23 -14.44 15.22
C ALA A 133 -0.34 -15.51 14.28
N PHE A 134 0.49 -16.01 13.37
CA PHE A 134 0.11 -17.08 12.46
C PHE A 134 0.08 -18.43 13.20
N GLU A 135 1.06 -18.63 14.07
CA GLU A 135 1.22 -19.88 14.82
C GLU A 135 0.07 -20.09 15.81
N ALA A 136 -0.58 -19.00 16.22
CA ALA A 136 -1.69 -19.05 17.16
C ALA A 136 -3.01 -19.48 16.51
N SER A 137 -3.00 -19.74 15.20
CA SER A 137 -4.17 -20.23 14.49
C SER A 137 -3.90 -21.64 13.96
N PRO A 138 -4.83 -22.59 14.16
CA PRO A 138 -4.61 -23.93 13.60
CA PRO A 138 -4.60 -23.92 13.60
C PRO A 138 -4.61 -23.93 12.07
N HIS A 139 -5.14 -22.88 11.45
CA HIS A 139 -5.20 -22.70 10.01
C HIS A 139 -4.04 -21.92 9.46
N GLY A 140 -3.21 -21.37 10.34
CA GLY A 140 -2.16 -20.46 9.91
C GLY A 140 -2.65 -19.09 9.47
N LEU A 141 -3.87 -18.72 9.85
CA LEU A 141 -4.40 -17.39 9.56
C LEU A 141 -3.99 -16.46 10.71
N PRO A 142 -3.29 -15.36 10.42
CA PRO A 142 -2.80 -14.55 11.53
C PRO A 142 -3.91 -13.84 12.27
N TRP A 143 -3.81 -13.85 13.60
CA TRP A 143 -4.56 -12.93 14.43
C TRP A 143 -4.16 -11.49 14.08
N ARG A 144 -5.07 -10.55 14.34
CA ARG A 144 -4.81 -9.17 13.89
C ARG A 144 -3.73 -8.45 14.67
N TYR A 145 -3.62 -8.73 15.96
CA TYR A 145 -2.69 -8.05 16.84
C TYR A 145 -1.84 -9.07 17.57
N VAL A 146 -0.57 -8.69 17.79
CA VAL A 146 0.33 -9.53 18.58
C VAL A 146 1.17 -8.63 19.47
N ASN A 147 1.44 -9.11 20.68
CA ASN A 147 2.35 -8.42 21.56
C ASN A 147 3.77 -8.72 21.08
N LEU A 148 4.54 -7.68 20.76
CA LEU A 148 5.84 -7.87 20.15
C LEU A 148 6.83 -8.60 21.06
N ARG A 149 6.69 -8.43 22.37
CA ARG A 149 7.54 -9.12 23.33
C ARG A 149 7.05 -10.52 23.70
N THR A 150 5.76 -10.65 24.00
CA THR A 150 5.26 -11.88 24.63
C THR A 150 4.63 -12.86 23.65
N GLY A 151 4.27 -12.40 22.46
CA GLY A 151 3.58 -13.25 21.51
C GLY A 151 2.08 -13.39 21.73
N ALA A 152 1.53 -12.76 22.76
CA ALA A 152 0.10 -12.89 23.01
C ALA A 152 -0.69 -12.26 21.86
N VAL A 153 -1.74 -12.95 21.43
CA VAL A 153 -2.55 -12.49 20.30
C VAL A 153 -3.90 -11.94 20.76
N SER A 154 -4.47 -11.10 19.90
CA SER A 154 -5.81 -10.60 20.12
C SER A 154 -6.46 -10.27 18.78
N ASP A 155 -7.78 -10.45 18.77
CA ASP A 155 -8.70 -10.17 17.67
C ASP A 155 -8.49 -11.08 16.45
N PRO A 156 -9.20 -12.21 16.41
CA PRO A 156 -9.12 -13.10 15.27
C PRO A 156 -10.18 -12.80 14.19
N GLU A 157 -10.99 -11.76 14.37
CA GLU A 157 -12.02 -11.46 13.37
C GLU A 157 -11.40 -10.51 12.34
N THR A 158 -10.75 -11.15 11.39
CA THR A 158 -9.85 -10.52 10.47
C THR A 158 -10.44 -10.52 9.04
N ASN A 159 -9.59 -10.35 8.04
CA ASN A 159 -10.07 -10.06 6.71
C ASN A 159 -8.98 -10.44 5.71
N LEU A 160 -9.34 -10.51 4.44
CA LEU A 160 -8.41 -10.98 3.42
C LEU A 160 -7.13 -10.14 3.39
N ALA A 161 -7.25 -8.82 3.46
CA ALA A 161 -6.04 -8.01 3.42
C ALA A 161 -5.13 -8.36 4.60
N GLU A 162 -5.72 -8.49 5.79
CA GLU A 162 -4.93 -8.71 7.00
C GLU A 162 -4.48 -10.15 7.21
N ILE A 163 -4.95 -11.10 6.38
CA ILE A 163 -4.37 -12.45 6.37
C ILE A 163 -3.48 -12.70 5.16
N GLY A 164 -3.51 -11.80 4.16
CA GLY A 164 -2.98 -12.09 2.83
C GLY A 164 -2.10 -11.03 2.22
N THR A 165 -1.46 -10.21 3.07
CA THR A 165 -0.56 -9.16 2.61
C THR A 165 0.80 -9.31 3.30
N TYR A 166 1.37 -10.51 3.13
CA TYR A 166 2.64 -10.88 3.74
C TYR A 166 3.61 -11.54 2.77
N LEU A 167 3.10 -12.15 1.70
CA LEU A 167 3.93 -13.05 0.90
C LEU A 167 5.09 -12.31 0.21
N SER A 168 4.91 -11.04 -0.14
CA SER A 168 6.02 -10.34 -0.79
C SER A 168 7.19 -10.15 0.18
N GLU A 169 6.90 -9.60 1.37
CA GLU A 169 7.95 -9.33 2.34
C GLU A 169 8.52 -10.64 2.88
N PHE A 170 7.62 -11.58 3.22
CA PHE A 170 8.05 -12.85 3.78
C PHE A 170 8.80 -13.67 2.72
N GLY A 171 8.35 -13.63 1.47
CA GLY A 171 9.05 -14.33 0.41
C GLY A 171 10.44 -13.78 0.15
N VAL A 172 10.57 -12.45 0.18
CA VAL A 172 11.90 -11.84 0.07
C VAL A 172 12.75 -12.25 1.28
N LEU A 173 12.19 -12.26 2.48
CA LEU A 173 12.94 -12.78 3.62
CA LEU A 173 12.93 -12.76 3.62
C LEU A 173 13.41 -14.20 3.36
N SER A 174 12.56 -15.06 2.81
CA SER A 174 13.01 -16.42 2.54
C SER A 174 14.16 -16.44 1.53
N GLN A 175 14.08 -15.63 0.49
CA GLN A 175 15.16 -15.58 -0.50
C GLN A 175 16.48 -15.13 0.13
N LEU A 176 16.42 -14.07 0.93
CA LEU A 176 17.63 -13.47 1.48
C LEU A 176 18.24 -14.32 2.59
N THR A 177 17.39 -14.89 3.44
CA THR A 177 17.85 -15.65 4.61
C THR A 177 18.19 -17.10 4.27
N GLY A 178 17.53 -17.64 3.25
CA GLY A 178 17.59 -19.06 2.94
C GLY A 178 16.56 -19.91 3.66
N GLU A 179 15.76 -19.31 4.55
CA GLU A 179 14.78 -20.07 5.33
C GLU A 179 13.40 -19.96 4.69
N ARG A 180 12.90 -21.08 4.20
CA ARG A 180 11.64 -21.13 3.47
C ARG A 180 10.42 -20.89 4.36
N LYS A 181 10.59 -20.94 5.68
CA LYS A 181 9.44 -20.88 6.57
C LYS A 181 8.59 -19.62 6.34
N TYR A 182 9.22 -18.49 6.04
CA TYR A 182 8.47 -17.24 5.90
C TYR A 182 7.52 -17.33 4.70
N PHE A 183 8.08 -17.63 3.53
CA PHE A 183 7.28 -17.83 2.34
C PHE A 183 6.13 -18.80 2.61
N ASP A 184 6.47 -19.95 3.22
CA ASP A 184 5.46 -20.98 3.41
C ASP A 184 4.31 -20.50 4.28
N MET A 185 4.65 -19.79 5.35
CA MET A 185 3.64 -19.30 6.29
CA MET A 185 3.66 -19.29 6.29
C MET A 185 2.70 -18.30 5.59
N ALA A 186 3.26 -17.39 4.82
CA ALA A 186 2.42 -16.43 4.12
C ALA A 186 1.52 -17.11 3.07
N LYS A 187 2.10 -18.02 2.28
CA LYS A 187 1.32 -18.63 1.22
C LYS A 187 0.18 -19.50 1.80
N ARG A 188 0.44 -20.19 2.90
CA ARG A 188 -0.57 -21.07 3.48
C ARG A 188 -1.84 -20.29 3.85
N ALA A 189 -1.67 -19.09 4.41
CA ALA A 189 -2.83 -18.29 4.79
C ALA A 189 -3.67 -17.88 3.57
N MET A 190 -2.99 -17.54 2.47
CA MET A 190 -3.72 -17.19 1.25
C MET A 190 -4.45 -18.40 0.66
N ARG A 191 -3.77 -19.54 0.63
CA ARG A 191 -4.38 -20.77 0.10
CA ARG A 191 -4.37 -20.75 0.10
C ARG A 191 -5.65 -21.10 0.89
N HIS A 192 -5.66 -20.84 2.19
CA HIS A 192 -6.82 -21.15 3.01
C HIS A 192 -8.09 -20.54 2.43
N THR A 193 -8.05 -19.23 2.15
CA THR A 193 -9.25 -18.57 1.68
C THR A 193 -9.54 -18.90 0.22
N LEU A 194 -8.49 -19.04 -0.58
CA LEU A 194 -8.69 -19.43 -1.97
C LEU A 194 -9.37 -20.80 -2.08
N ASP A 195 -9.02 -21.72 -1.19
CA ASP A 195 -9.64 -23.03 -1.18
C ASP A 195 -11.13 -22.98 -0.84
N ARG A 196 -11.57 -21.86 -0.28
CA ARG A 196 -12.94 -21.66 0.14
C ARG A 196 -13.69 -20.66 -0.77
N ARG A 197 -13.16 -20.44 -1.98
CA ARG A 197 -13.90 -19.70 -2.98
C ARG A 197 -15.26 -20.34 -3.25
N SER A 198 -16.24 -19.49 -3.54
CA SER A 198 -17.55 -19.94 -3.93
C SER A 198 -17.52 -20.52 -5.33
N LYS A 199 -18.66 -21.05 -5.78
CA LYS A 199 -18.74 -21.59 -7.13
C LYS A 199 -18.54 -20.54 -8.20
N ILE A 200 -18.80 -19.27 -7.88
CA ILE A 200 -18.55 -18.17 -8.82
C ILE A 200 -17.17 -17.51 -8.64
N GLY A 201 -16.30 -18.11 -7.83
CA GLY A 201 -14.89 -17.75 -7.80
C GLY A 201 -14.52 -16.61 -6.88
N LEU A 202 -15.43 -16.23 -5.97
CA LEU A 202 -15.22 -15.13 -5.07
C LEU A 202 -15.00 -15.62 -3.64
N MET A 203 -14.33 -14.79 -2.85
CA MET A 203 -14.19 -14.98 -1.40
C MET A 203 -14.88 -13.85 -0.69
N ALA A 204 -15.55 -14.13 0.42
CA ALA A 204 -15.98 -13.06 1.29
C ALA A 204 -14.72 -12.40 1.91
N ALA A 205 -14.85 -11.13 2.25
CA ALA A 205 -13.68 -10.35 2.68
C ALA A 205 -13.32 -10.56 4.14
N ASN A 206 -14.27 -11.04 4.94
CA ASN A 206 -14.13 -11.12 6.40
C ASN A 206 -14.00 -12.59 6.79
N ILE A 207 -12.99 -12.90 7.59
CA ILE A 207 -12.67 -14.29 7.92
C ILE A 207 -12.18 -14.38 9.36
N HIS A 208 -12.50 -15.51 10.00
CA HIS A 208 -12.12 -15.75 11.39
C HIS A 208 -10.88 -16.61 11.45
N ALA A 209 -9.86 -16.14 12.18
CA ALA A 209 -8.59 -16.85 12.21
C ALA A 209 -8.67 -18.21 12.90
N MET A 210 -9.60 -18.40 13.84
CA MET A 210 -9.68 -19.66 14.58
C MET A 210 -10.65 -20.66 13.96
N THR A 211 -11.82 -20.23 13.53
CA THR A 211 -12.73 -21.16 12.87
C THR A 211 -12.31 -21.41 11.41
N GLY A 212 -11.60 -20.44 10.83
CA GLY A 212 -11.25 -20.49 9.42
C GLY A 212 -12.42 -20.19 8.47
N ALA A 213 -13.56 -19.80 9.02
CA ALA A 213 -14.77 -19.57 8.24
C ALA A 213 -14.95 -18.08 7.94
N PHE A 214 -15.60 -17.81 6.81
CA PHE A 214 -16.00 -16.44 6.52
C PHE A 214 -17.00 -15.95 7.58
N THR A 215 -16.90 -14.66 7.90
CA THR A 215 -17.77 -14.03 8.88
C THR A 215 -18.69 -12.98 8.26
N SER A 216 -18.62 -12.80 6.94
CA SER A 216 -19.60 -12.03 6.19
C SER A 216 -19.83 -12.77 4.88
N ARG A 217 -20.73 -12.22 4.07
CA ARG A 217 -20.98 -12.73 2.73
C ARG A 217 -20.50 -11.77 1.65
N ASN A 218 -19.78 -10.71 2.01
CA ASN A 218 -19.43 -9.67 1.04
C ASN A 218 -18.07 -9.89 0.39
N ALA A 219 -18.08 -10.12 -0.91
CA ALA A 219 -16.86 -10.07 -1.72
C ALA A 219 -16.58 -8.61 -2.07
N SER A 220 -15.30 -8.25 -2.01
CA SER A 220 -14.88 -6.89 -2.19
C SER A 220 -13.55 -6.83 -2.92
N ILE A 221 -13.32 -5.74 -3.66
CA ILE A 221 -11.98 -5.40 -4.15
C ILE A 221 -11.34 -4.29 -3.33
N ASP A 222 -12.08 -3.77 -2.36
CA ASP A 222 -11.83 -2.56 -1.70
C ASP A 222 -11.27 -2.84 -0.28
N VAL A 223 -11.57 -1.97 0.65
CA VAL A 223 -11.01 -2.12 1.97
CA VAL A 223 -11.03 -2.12 1.99
C VAL A 223 -11.45 -3.49 2.55
N TYR A 224 -10.62 -4.10 3.35
CA TYR A 224 -10.82 -5.50 3.90
C TYR A 224 -10.24 -6.53 2.97
N ALA A 225 -9.95 -6.19 1.71
CA ALA A 225 -9.57 -7.22 0.76
C ALA A 225 -8.42 -6.84 -0.17
N ASP A 226 -8.52 -5.66 -0.79
CA ASP A 226 -7.56 -5.08 -1.72
C ASP A 226 -6.22 -5.81 -1.92
N SER A 227 -5.29 -5.66 -0.99
CA SER A 227 -3.93 -6.10 -1.24
C SER A 227 -3.75 -7.61 -1.29
N PHE A 228 -4.73 -8.39 -0.82
CA PHE A 228 -4.68 -9.84 -1.04
C PHE A 228 -4.50 -10.11 -2.55
N TYR A 229 -5.31 -9.41 -3.36
CA TYR A 229 -5.31 -9.68 -4.80
C TYR A 229 -4.00 -9.21 -5.44
N GLU A 230 -3.45 -8.09 -4.97
CA GLU A 230 -2.13 -7.66 -5.41
C GLU A 230 -1.09 -8.73 -5.13
N TYR A 231 -1.09 -9.28 -3.90
CA TYR A 231 0.01 -10.13 -3.50
C TYR A 231 -0.02 -11.48 -4.21
N LEU A 232 -1.17 -11.91 -4.74
CA LEU A 232 -1.17 -13.08 -5.62
C LEU A 232 -0.32 -12.80 -6.87
N TRP A 233 -0.59 -11.69 -7.55
CA TRP A 233 0.20 -11.38 -8.73
C TRP A 233 1.66 -11.13 -8.37
N ASP A 234 1.88 -10.39 -7.29
CA ASP A 234 3.23 -9.99 -6.95
C ASP A 234 4.09 -11.22 -6.62
N ALA A 235 3.49 -12.27 -6.06
CA ALA A 235 4.25 -13.47 -5.73
C ALA A 235 4.66 -14.23 -7.00
N TRP A 236 3.81 -14.22 -8.03
CA TRP A 236 4.23 -14.69 -9.34
C TRP A 236 5.39 -13.87 -9.85
N ALA A 237 5.27 -12.55 -9.79
CA ALA A 237 6.30 -11.69 -10.36
C ALA A 237 7.64 -11.84 -9.62
N LEU A 238 7.58 -11.88 -8.29
CA LEU A 238 8.80 -11.92 -7.48
C LEU A 238 9.41 -13.32 -7.36
N PHE A 239 8.56 -14.34 -7.25
CA PHE A 239 9.04 -15.68 -6.88
C PHE A 239 8.77 -16.73 -7.95
N GLY A 240 8.06 -16.38 -9.01
CA GLY A 240 7.71 -17.35 -10.03
C GLY A 240 6.73 -18.41 -9.54
N ASP A 241 5.95 -18.09 -8.51
CA ASP A 241 5.03 -19.07 -7.94
C ASP A 241 3.85 -19.30 -8.88
N GLU A 242 3.75 -20.52 -9.40
CA GLU A 242 2.74 -20.89 -10.38
CA GLU A 242 2.74 -20.82 -10.39
C GLU A 242 1.33 -20.86 -9.80
N ASP A 243 1.18 -21.26 -8.54
CA ASP A 243 -0.13 -21.23 -7.91
C ASP A 243 -0.63 -19.79 -7.84
N CYS A 244 0.23 -18.88 -7.40
CA CYS A 244 -0.17 -17.50 -7.27
C CYS A 244 -0.49 -16.86 -8.62
N LYS A 245 0.25 -17.23 -9.67
CA LYS A 245 -0.07 -16.75 -11.01
C LYS A 245 -1.50 -17.16 -11.41
N ARG A 246 -1.81 -18.44 -11.18
CA ARG A 246 -3.14 -18.97 -11.49
C ARG A 246 -4.21 -18.25 -10.67
N TRP A 247 -3.98 -18.18 -9.37
CA TRP A 247 -4.94 -17.57 -8.46
C TRP A 247 -5.19 -16.11 -8.77
N ALA A 248 -4.13 -15.37 -9.13
CA ALA A 248 -4.29 -13.94 -9.41
C ALA A 248 -5.28 -13.72 -10.55
N VAL A 249 -5.07 -14.47 -11.63
CA VAL A 249 -5.90 -14.33 -12.82
C VAL A 249 -7.32 -14.86 -12.55
N GLU A 250 -7.43 -15.99 -11.87
CA GLU A 250 -8.76 -16.52 -11.54
C GLU A 250 -9.55 -15.53 -10.71
N CYS A 251 -8.92 -14.95 -9.69
CA CYS A 251 -9.66 -14.05 -8.82
C CYS A 251 -10.14 -12.82 -9.57
N VAL A 252 -9.26 -12.24 -10.40
CA VAL A 252 -9.62 -11.06 -11.15
C VAL A 252 -10.70 -11.38 -12.17
N ASP A 253 -10.62 -12.54 -12.84
CA ASP A 253 -11.68 -13.01 -13.77
CA ASP A 253 -11.67 -12.81 -13.79
C ASP A 253 -13.03 -13.04 -13.08
N ALA A 254 -13.04 -13.57 -11.86
CA ALA A 254 -14.31 -13.68 -11.12
C ALA A 254 -14.85 -12.28 -10.78
N GLN A 255 -13.96 -11.37 -10.39
CA GLN A 255 -14.36 -10.00 -10.12
C GLN A 255 -14.88 -9.30 -11.37
N LEU A 256 -14.22 -9.49 -12.50
CA LEU A 256 -14.70 -8.89 -13.73
C LEU A 256 -16.07 -9.44 -14.13
N ALA A 257 -16.31 -10.73 -13.87
CA ALA A 257 -17.58 -11.36 -14.21
C ALA A 257 -18.73 -10.90 -13.31
N HIS A 258 -18.44 -10.74 -12.02
CA HIS A 258 -19.51 -10.58 -11.02
C HIS A 258 -19.54 -9.25 -10.30
N GLN A 259 -18.42 -8.53 -10.25
CA GLN A 259 -18.37 -7.23 -9.56
C GLN A 259 -18.27 -6.02 -10.47
N ALA A 260 -17.83 -6.18 -11.71
CA ALA A 260 -17.74 -5.05 -12.62
C ALA A 260 -19.15 -4.59 -12.98
N LYS A 261 -19.50 -3.36 -12.62
CA LYS A 261 -20.82 -2.82 -12.88
C LYS A 261 -20.67 -1.40 -13.36
N ARG A 262 -21.48 -1.00 -14.32
CA ARG A 262 -21.46 0.37 -14.78
C ARG A 262 -22.61 1.18 -14.17
N TYR A 263 -22.31 2.41 -13.77
CA TYR A 263 -23.29 3.36 -13.29
C TYR A 263 -23.01 4.67 -13.99
N ASP A 264 -24.02 5.23 -14.64
CA ASP A 264 -23.86 6.48 -15.37
C ASP A 264 -22.66 6.44 -16.34
N GLY A 265 -22.47 5.28 -16.97
CA GLY A 265 -21.45 5.11 -17.97
C GLY A 265 -20.05 4.78 -17.46
N ARG A 266 -19.87 4.74 -16.14
CA ARG A 266 -18.55 4.56 -15.54
C ARG A 266 -18.47 3.20 -14.85
N LEU A 267 -17.28 2.61 -14.92
CA LEU A 267 -17.01 1.32 -14.29
C LEU A 267 -16.72 1.47 -12.79
N TRP A 268 -17.43 0.66 -11.99
CA TRP A 268 -17.17 0.53 -10.57
C TRP A 268 -17.19 -0.95 -10.20
N PHE A 269 -16.70 -1.25 -9.00
CA PHE A 269 -16.66 -2.62 -8.47
C PHE A 269 -17.26 -2.61 -7.07
N PRO A 270 -18.58 -2.50 -6.97
CA PRO A 270 -19.22 -2.57 -5.67
C PRO A 270 -19.09 -3.97 -5.06
N MET A 271 -19.32 -4.05 -3.77
CA MET A 271 -19.39 -5.32 -3.04
CA MET A 271 -19.31 -5.37 -3.15
C MET A 271 -20.57 -6.14 -3.55
N VAL A 272 -20.39 -7.45 -3.58
CA VAL A 272 -21.45 -8.36 -3.95
C VAL A 272 -21.46 -9.54 -3.01
N ASP A 273 -22.59 -10.23 -2.96
CA ASP A 273 -22.66 -11.49 -2.25
C ASP A 273 -21.71 -12.49 -2.90
N PHE A 274 -20.84 -13.08 -2.11
CA PHE A 274 -19.76 -13.89 -2.69
C PHE A 274 -20.24 -15.15 -3.37
N GLU A 275 -21.46 -15.61 -3.06
CA GLU A 275 -22.03 -16.79 -3.71
C GLU A 275 -23.05 -16.45 -4.79
N THR A 276 -23.89 -15.46 -4.56
CA THR A 276 -24.98 -15.18 -5.51
C THR A 276 -24.66 -14.07 -6.50
N GLY A 277 -23.68 -13.22 -6.18
CA GLY A 277 -23.36 -12.09 -7.03
C GLY A 277 -24.29 -10.90 -6.91
N ALA A 278 -25.29 -10.96 -6.03
CA ALA A 278 -26.19 -9.81 -5.85
C ALA A 278 -25.38 -8.66 -5.25
N VAL A 279 -25.61 -7.43 -5.74
CA VAL A 279 -24.90 -6.28 -5.20
C VAL A 279 -25.32 -6.06 -3.74
N THR A 280 -24.33 -5.87 -2.87
CA THR A 280 -24.61 -5.72 -1.44
C THR A 280 -24.14 -4.39 -0.87
N GLY A 281 -23.58 -3.53 -1.70
CA GLY A 281 -23.22 -2.20 -1.27
C GLY A 281 -23.18 -1.25 -2.43
N THR A 282 -23.16 0.03 -2.08
CA THR A 282 -23.07 1.08 -3.09
C THR A 282 -21.86 2.00 -2.88
N ALA A 283 -21.00 1.72 -1.90
CA ALA A 283 -19.84 2.56 -1.65
C ALA A 283 -18.63 2.06 -2.44
N GLN A 284 -17.80 2.99 -2.89
CA GLN A 284 -16.45 2.68 -3.35
C GLN A 284 -15.50 3.62 -2.66
N SER A 285 -14.45 3.07 -2.06
CA SER A 285 -13.42 3.85 -1.43
CA SER A 285 -13.48 3.97 -1.46
CA SER A 285 -13.40 3.90 -1.45
C SER A 285 -12.42 4.36 -2.47
N GLU A 286 -11.79 5.50 -2.21
CA GLU A 286 -10.67 5.95 -3.01
C GLU A 286 -9.59 4.87 -3.07
N LEU A 287 -9.48 4.09 -1.98
CA LEU A 287 -8.42 3.12 -1.85
C LEU A 287 -8.53 2.01 -2.90
N ALA A 288 -9.71 1.86 -3.52
CA ALA A 288 -9.89 0.89 -4.58
C ALA A 288 -9.09 1.21 -5.85
N ALA A 289 -8.59 2.44 -5.98
CA ALA A 289 -7.94 2.82 -7.24
C ALA A 289 -6.70 1.97 -7.55
N TYR A 290 -6.09 1.34 -6.54
CA TYR A 290 -4.97 0.43 -6.82
C TYR A 290 -5.36 -0.61 -7.87
N TYR A 291 -6.64 -0.99 -7.89
CA TYR A 291 -7.09 -2.10 -8.70
C TYR A 291 -6.97 -1.80 -10.19
N ALA A 292 -7.04 -0.52 -10.58
CA ALA A 292 -6.83 -0.17 -11.97
C ALA A 292 -5.44 -0.64 -12.44
N GLY A 293 -4.44 -0.45 -11.59
CA GLY A 293 -3.10 -0.92 -11.90
C GLY A 293 -2.98 -2.43 -11.88
N LEU A 294 -3.58 -3.08 -10.89
CA LEU A 294 -3.54 -4.54 -10.82
C LEU A 294 -4.17 -5.15 -12.08
N LEU A 295 -5.30 -4.60 -12.52
CA LEU A 295 -5.95 -5.09 -13.74
C LEU A 295 -4.95 -5.08 -14.90
N GLY A 296 -4.20 -3.99 -15.06
CA GLY A 296 -3.18 -3.99 -16.10
C GLY A 296 -2.11 -5.06 -15.90
N GLN A 297 -1.62 -5.18 -14.67
CA GLN A 297 -0.56 -6.13 -14.38
C GLN A 297 -0.95 -7.57 -14.77
N VAL A 298 -2.19 -7.97 -14.49
CA VAL A 298 -2.61 -9.35 -14.71
C VAL A 298 -3.08 -9.61 -16.14
N GLY A 299 -2.94 -8.63 -17.03
CA GLY A 299 -3.29 -8.82 -18.42
C GLY A 299 -4.70 -8.40 -18.79
N ARG A 300 -5.23 -7.42 -18.06
CA ARG A 300 -6.56 -6.86 -18.30
CA ARG A 300 -6.56 -6.85 -18.33
C ARG A 300 -6.44 -5.34 -18.37
N LYS A 301 -5.52 -4.86 -19.21
CA LYS A 301 -5.21 -3.44 -19.25
CA LYS A 301 -5.20 -3.44 -19.28
C LYS A 301 -6.38 -2.58 -19.71
N ALA A 302 -7.16 -3.02 -20.70
CA ALA A 302 -8.28 -2.17 -21.13
C ALA A 302 -9.25 -1.94 -19.96
N GLN A 303 -9.51 -2.98 -19.18
CA GLN A 303 -10.37 -2.87 -17.99
CA GLN A 303 -10.39 -2.82 -18.03
C GLN A 303 -9.73 -1.94 -16.97
N GLY A 304 -8.41 -2.08 -16.80
CA GLY A 304 -7.70 -1.20 -15.87
C GLY A 304 -7.79 0.26 -16.27
N ASP A 305 -7.62 0.55 -17.56
CA ASP A 305 -7.77 1.93 -18.04
C ASP A 305 -9.21 2.43 -17.82
N ASP A 306 -10.19 1.57 -18.07
CA ASP A 306 -11.58 1.96 -17.85
C ASP A 306 -11.80 2.31 -16.37
N TYR A 307 -11.25 1.50 -15.47
CA TYR A 307 -11.43 1.78 -14.05
C TYR A 307 -10.66 3.04 -13.64
N LEU A 308 -9.45 3.21 -14.15
CA LEU A 308 -8.71 4.45 -13.87
C LEU A 308 -9.55 5.66 -14.26
N ALA A 309 -10.23 5.57 -15.40
CA ALA A 309 -11.04 6.68 -15.89
C ALA A 309 -12.13 7.08 -14.88
N SER A 310 -12.66 6.12 -14.12
CA SER A 310 -13.63 6.48 -13.08
C SER A 310 -13.01 7.40 -12.03
N PHE A 311 -11.77 7.09 -11.62
CA PHE A 311 -11.07 7.95 -10.69
C PHE A 311 -10.59 9.27 -11.32
N THR A 312 -10.24 9.24 -12.60
CA THR A 312 -9.89 10.48 -13.29
C THR A 312 -11.09 11.44 -13.29
N TYR A 313 -12.30 10.90 -13.47
CA TYR A 313 -13.53 11.67 -13.35
C TYR A 313 -13.64 12.30 -11.96
N LEU A 314 -13.38 11.51 -10.91
CA LEU A 314 -13.46 12.06 -9.57
C LEU A 314 -12.43 13.18 -9.35
N GLN A 315 -11.21 12.99 -9.85
CA GLN A 315 -10.18 14.02 -9.71
C GLN A 315 -10.56 15.30 -10.48
N ALA A 316 -11.06 15.15 -11.70
CA ALA A 316 -11.43 16.33 -12.49
C ALA A 316 -12.61 17.07 -11.85
N THR A 317 -13.53 16.32 -11.26
CA THR A 317 -14.74 16.92 -10.71
C THR A 317 -14.51 17.55 -9.34
N PHE A 318 -13.80 16.83 -8.47
CA PHE A 318 -13.67 17.21 -7.07
C PHE A 318 -12.29 17.73 -6.69
N GLY A 319 -11.32 17.66 -7.60
CA GLY A 319 -9.95 18.16 -7.33
C GLY A 319 -9.13 17.09 -6.64
N VAL A 320 -9.51 16.80 -5.40
CA VAL A 320 -9.02 15.66 -4.64
C VAL A 320 -10.08 14.56 -4.75
N ILE A 321 -9.63 13.33 -4.96
CA ILE A 321 -10.57 12.22 -5.07
C ILE A 321 -11.25 12.01 -3.70
N PRO A 322 -12.59 12.00 -3.65
CA PRO A 322 -13.22 11.79 -2.36
C PRO A 322 -12.83 10.46 -1.72
N GLU A 323 -12.76 10.46 -0.40
CA GLU A 323 -12.33 9.28 0.33
C GLU A 323 -13.26 8.08 0.07
N SER A 324 -14.54 8.36 -0.12
CA SER A 324 -15.53 7.35 -0.49
C SER A 324 -16.61 8.04 -1.32
N ILE A 325 -17.15 7.30 -2.28
CA ILE A 325 -18.24 7.78 -3.13
CA ILE A 325 -18.25 7.79 -3.09
C ILE A 325 -19.37 6.77 -3.12
N ASP A 326 -20.56 7.24 -3.50
CA ASP A 326 -21.70 6.39 -3.76
C ASP A 326 -21.67 6.11 -5.26
N VAL A 327 -21.52 4.85 -5.65
CA VAL A 327 -21.39 4.51 -7.07
C VAL A 327 -22.65 4.83 -7.86
N THR A 328 -23.80 4.87 -7.19
CA THR A 328 -25.05 5.11 -7.88
C THR A 328 -25.21 6.57 -8.31
N THR A 329 -24.51 7.48 -7.65
CA THR A 329 -24.58 8.89 -7.98
C THR A 329 -23.26 9.50 -8.43
N GLY A 330 -22.14 8.86 -8.09
CA GLY A 330 -20.84 9.39 -8.41
C GLY A 330 -20.43 10.55 -7.54
N GLN A 331 -21.08 10.70 -6.38
CA GLN A 331 -20.85 11.83 -5.47
C GLN A 331 -20.16 11.39 -4.16
N PRO A 332 -19.52 12.34 -3.46
CA PRO A 332 -18.84 12.00 -2.20
C PRO A 332 -19.79 11.50 -1.12
N ARG A 333 -19.30 10.56 -0.32
CA ARG A 333 -19.95 10.11 0.92
C ARG A 333 -19.29 10.68 2.16
N ARG A 334 -18.06 11.17 2.02
CA ARG A 334 -17.29 11.75 3.11
C ARG A 334 -16.55 12.95 2.56
N LYS A 335 -16.24 13.92 3.43
CA LYS A 335 -15.58 15.15 3.01
C LYS A 335 -14.09 15.22 3.39
N HIS A 336 -13.67 14.39 4.34
CA HIS A 336 -12.26 14.37 4.76
C HIS A 336 -11.48 13.43 3.87
N THR A 337 -10.15 13.50 3.97
CA THR A 337 -9.29 12.58 3.25
C THR A 337 -8.16 12.05 4.14
N GLY A 338 -7.52 11.02 3.61
CA GLY A 338 -6.31 10.48 4.20
C GLY A 338 -5.03 10.78 3.40
N LEU A 339 -4.98 11.84 2.60
CA LEU A 339 -3.77 12.13 1.80
C LEU A 339 -3.35 10.85 1.04
N ARG A 340 -4.29 10.35 0.23
CA ARG A 340 -4.22 8.98 -0.24
C ARG A 340 -3.41 8.84 -1.54
N PRO A 341 -2.70 7.72 -1.68
CA PRO A 341 -1.77 7.54 -2.80
C PRO A 341 -2.25 6.66 -3.96
N GLU A 342 -3.47 6.12 -3.91
CA GLU A 342 -3.79 5.04 -4.84
C GLU A 342 -3.93 5.46 -6.31
N TYR A 343 -4.24 6.74 -6.57
CA TYR A 343 -4.32 7.17 -7.97
C TYR A 343 -2.94 7.14 -8.64
N PRO A 344 -1.90 7.79 -8.07
CA PRO A 344 -0.58 7.65 -8.72
C PRO A 344 -0.02 6.23 -8.62
N ASP A 345 -0.44 5.42 -7.65
CA ASP A 345 -0.12 3.98 -7.61
C ASP A 345 -0.57 3.35 -8.95
N ALA A 346 -1.84 3.52 -9.27
CA ALA A 346 -2.37 2.98 -10.51
C ALA A 346 -1.66 3.57 -11.73
N CYS A 347 -1.44 4.88 -11.74
CA CYS A 347 -0.78 5.50 -12.87
C CYS A 347 0.60 4.90 -13.11
N LEU A 348 1.39 4.73 -12.06
CA LEU A 348 2.72 4.16 -12.23
C LEU A 348 2.61 2.70 -12.73
N ASN A 349 1.75 1.91 -12.12
CA ASN A 349 1.65 0.51 -12.52
C ASN A 349 1.22 0.35 -13.98
N LEU A 350 0.29 1.17 -14.44
CA LEU A 350 -0.11 1.12 -15.84
C LEU A 350 0.98 1.67 -16.77
N TRP A 351 1.65 2.74 -16.36
CA TRP A 351 2.73 3.32 -17.15
C TRP A 351 3.89 2.35 -17.33
N LEU A 352 4.15 1.50 -16.32
CA LEU A 352 5.24 0.54 -16.47
C LEU A 352 4.99 -0.46 -17.61
N ILE A 353 3.74 -0.62 -18.04
CA ILE A 353 3.43 -1.55 -19.14
C ILE A 353 3.97 -1.05 -20.49
N ASP A 354 3.67 0.19 -20.87
CA ASP A 354 4.05 0.69 -22.21
C ASP A 354 4.52 2.14 -22.22
N ARG A 355 4.70 2.75 -21.06
CA ARG A 355 5.22 4.10 -20.98
C ARG A 355 4.37 5.17 -21.68
N ASP A 356 3.06 5.00 -21.62
CA ASP A 356 2.16 5.96 -22.25
C ASP A 356 2.22 7.30 -21.48
N PRO A 357 2.59 8.41 -22.15
CA PRO A 357 2.69 9.68 -21.42
C PRO A 357 1.38 10.18 -20.83
N ARG A 358 0.24 9.62 -21.24
CA ARG A 358 -1.03 9.97 -20.60
C ARG A 358 -0.96 9.78 -19.08
N TYR A 359 -0.31 8.71 -18.63
CA TYR A 359 -0.26 8.45 -17.18
C TYR A 359 0.57 9.50 -16.45
N ARG A 360 1.63 10.00 -17.11
CA ARG A 360 2.39 11.09 -16.55
C ARG A 360 1.55 12.36 -16.42
N ARG A 361 0.78 12.66 -17.46
N ARG A 361 0.78 12.68 -17.46
CA ARG A 361 -0.12 13.80 -17.47
CA ARG A 361 -0.09 13.87 -17.42
C ARG A 361 -1.06 13.76 -16.26
C ARG A 361 -1.08 13.78 -16.25
N LEU A 362 -1.68 12.60 -16.06
CA LEU A 362 -2.66 12.42 -15.01
C LEU A 362 -2.02 12.49 -13.62
N ALA A 363 -0.84 11.89 -13.47
CA ALA A 363 -0.15 11.92 -12.19
C ALA A 363 0.35 13.34 -11.87
N ALA A 364 0.69 14.12 -12.90
CA ALA A 364 1.13 15.50 -12.67
C ALA A 364 -0.02 16.35 -12.13
N ILE A 365 -1.23 16.12 -12.63
CA ILE A 365 -2.40 16.79 -12.06
C ILE A 365 -2.50 16.47 -10.57
N HIS A 366 -2.34 15.18 -10.26
CA HIS A 366 -2.48 14.71 -8.89
C HIS A 366 -1.42 15.31 -7.97
N TYR A 367 -0.17 15.33 -8.41
CA TYR A 367 0.90 15.95 -7.64
C TYR A 367 0.64 17.44 -7.41
N ARG A 368 0.28 18.14 -8.48
CA ARG A 368 0.02 19.57 -8.35
C ARG A 368 -1.15 19.84 -7.42
N GLU A 369 -2.16 18.98 -7.45
CA GLU A 369 -3.29 19.13 -6.55
C GLU A 369 -2.88 18.91 -5.10
N MET A 370 -2.01 17.92 -4.87
CA MET A 370 -1.46 17.71 -3.54
C MET A 370 -0.76 18.98 -3.04
N LYS A 371 0.07 19.57 -3.88
CA LYS A 371 0.76 20.81 -3.51
C LYS A 371 -0.21 21.95 -3.22
N ALA A 372 -1.32 22.01 -3.96
CA ALA A 372 -2.29 23.09 -3.83
C ALA A 372 -3.21 22.97 -2.63
N THR A 373 -3.30 21.77 -2.05
CA THR A 373 -4.27 21.50 -1.00
C THR A 373 -3.68 21.06 0.34
N SER A 374 -2.61 20.27 0.30
CA SER A 374 -2.09 19.58 1.49
C SER A 374 -0.81 20.19 2.06
N ARG A 375 -0.24 21.22 1.43
CA ARG A 375 1.00 21.76 1.98
C ARG A 375 0.71 22.54 3.26
N ALA A 376 1.51 22.28 4.28
CA ALA A 376 1.39 22.90 5.59
C ALA A 376 2.76 23.42 6.01
N ALA A 377 2.84 23.94 7.23
CA ALA A 377 4.07 24.61 7.65
C ALA A 377 5.29 23.68 7.66
N PHE A 378 5.08 22.44 8.07
CA PHE A 378 6.19 21.51 8.30
C PHE A 378 6.05 20.20 7.54
N GLY A 379 5.29 20.22 6.43
CA GLY A 379 5.09 19.02 5.64
C GLY A 379 3.75 19.03 4.95
N TYR A 380 3.27 17.84 4.64
CA TYR A 380 2.03 17.62 3.89
C TYR A 380 1.01 16.90 4.76
N THR A 381 -0.24 17.35 4.69
CA THR A 381 -1.28 16.89 5.59
C THR A 381 -2.54 16.39 4.89
N ALA A 382 -3.19 15.45 5.58
CA ALA A 382 -4.55 15.01 5.25
C ALA A 382 -5.54 16.16 5.39
N LEU A 383 -6.68 16.02 4.70
CA LEU A 383 -7.66 17.09 4.59
C LEU A 383 -8.90 16.83 5.45
N LYS A 384 -9.45 17.95 5.92
CA LYS A 384 -10.67 17.97 6.71
C LYS A 384 -11.94 18.03 5.84
N ASP A 385 -11.89 18.83 4.78
CA ASP A 385 -13.09 19.07 3.98
C ASP A 385 -12.69 19.49 2.58
N ILE A 386 -12.95 18.61 1.63
CA ILE A 386 -12.64 18.87 0.23
C ILE A 386 -13.73 19.67 -0.47
N THR A 387 -14.84 19.94 0.22
CA THR A 387 -15.97 20.58 -0.42
C THR A 387 -16.00 22.10 -0.19
N THR A 388 -15.31 22.58 0.84
CA THR A 388 -15.16 24.01 1.07
C THR A 388 -14.07 24.58 0.17
N ARG A 389 -14.06 25.90 0.02
CA ARG A 389 -13.06 26.60 -0.77
C ARG A 389 -12.52 27.78 0.06
N PRO A 390 -11.24 27.73 0.48
CA PRO A 390 -10.31 26.62 0.20
C PRO A 390 -10.65 25.37 0.98
N MET A 391 -10.09 24.25 0.55
CA MET A 391 -10.27 23.02 1.28
C MET A 391 -9.58 23.14 2.64
N THR A 392 -10.24 22.71 3.68
CA THR A 392 -9.66 22.81 5.01
C THR A 392 -8.84 21.56 5.30
N GLN A 393 -7.85 21.72 6.19
CA GLN A 393 -6.89 20.71 6.50
C GLN A 393 -7.09 20.13 7.89
N ASP A 394 -6.80 18.83 8.00
N ASP A 394 -6.81 18.82 7.99
CA ASP A 394 -6.60 18.21 9.30
CA ASP A 394 -6.54 18.18 9.26
C ASP A 394 -5.12 18.43 9.71
C ASP A 394 -5.02 18.24 9.48
N ASP A 395 -4.52 17.56 10.50
CA ASP A 395 -3.13 17.75 10.93
C ASP A 395 -2.44 16.40 11.12
N ASN A 396 -2.07 15.79 10.00
CA ASN A 396 -1.40 14.50 10.04
C ASN A 396 -0.80 14.20 8.67
N CYS A 397 0.47 13.80 8.66
CA CYS A 397 1.08 13.22 7.48
C CYS A 397 1.14 11.70 7.71
N PRO A 398 0.31 10.92 7.01
CA PRO A 398 0.32 9.48 7.24
CA PRO A 398 0.34 9.48 7.26
C PRO A 398 1.68 8.87 6.85
N GLY A 399 2.10 7.85 7.58
CA GLY A 399 3.37 7.20 7.27
C GLY A 399 3.49 6.76 5.82
N TYR A 400 2.38 6.31 5.22
CA TYR A 400 2.43 5.81 3.85
C TYR A 400 2.80 6.90 2.86
N TRP A 401 2.58 8.18 3.15
CA TRP A 401 2.97 9.25 2.23
C TRP A 401 4.47 9.19 1.93
N TRP A 402 5.25 8.82 2.94
CA TRP A 402 6.71 8.81 2.83
C TRP A 402 7.22 7.70 1.92
N SER A 403 6.47 6.60 1.83
CA SER A 403 6.85 5.48 0.97
C SER A 403 6.18 5.56 -0.40
N GLU A 404 4.95 6.06 -0.46
CA GLU A 404 4.11 5.90 -1.64
C GLU A 404 4.12 7.09 -2.61
N GLN A 405 3.29 8.12 -2.43
CA GLN A 405 3.02 8.94 -3.63
C GLN A 405 4.22 9.74 -4.07
N MET A 406 5.08 10.22 -3.18
CA MET A 406 6.26 10.96 -3.65
C MET A 406 7.18 10.03 -4.46
N LYS A 407 7.30 8.77 -4.02
CA LYS A 407 8.02 7.78 -4.81
C LYS A 407 7.33 7.55 -6.16
N TYR A 408 6.01 7.40 -6.16
CA TYR A 408 5.32 7.17 -7.44
C TYR A 408 5.56 8.32 -8.41
N TYR A 409 5.37 9.55 -7.95
CA TYR A 409 5.61 10.71 -8.81
C TYR A 409 7.05 10.69 -9.32
N TYR A 410 7.99 10.48 -8.40
CA TYR A 410 9.40 10.53 -8.79
C TYR A 410 9.74 9.43 -9.80
N LEU A 411 9.22 8.23 -9.58
CA LEU A 411 9.48 7.14 -10.54
C LEU A 411 8.85 7.46 -11.91
N LEU A 412 7.66 8.06 -11.91
CA LEU A 412 6.99 8.44 -13.16
C LEU A 412 7.73 9.52 -13.93
N PHE A 413 8.41 10.43 -13.22
CA PHE A 413 8.95 11.62 -13.88
C PHE A 413 10.48 11.61 -14.09
N SER A 414 11.20 10.89 -13.23
CA SER A 414 12.65 11.05 -13.17
C SER A 414 13.46 10.21 -14.14
N ASP A 415 12.92 9.08 -14.57
CA ASP A 415 13.71 8.07 -15.29
C ASP A 415 15.07 7.84 -14.60
N THR A 416 15.04 7.70 -13.28
CA THR A 416 16.27 7.65 -12.52
C THR A 416 17.14 6.44 -12.89
N PRO A 417 18.46 6.63 -12.99
CA PRO A 417 19.35 5.49 -13.22
C PRO A 417 19.48 4.57 -12.01
N ARG A 418 18.97 4.99 -10.85
CA ARG A 418 19.03 4.15 -9.64
C ARG A 418 18.04 3.01 -9.63
N ILE A 419 17.13 2.95 -10.60
CA ILE A 419 16.16 1.88 -10.69
C ILE A 419 16.25 1.23 -12.06
N ASP A 420 16.26 -0.10 -12.07
CA ASP A 420 16.07 -0.89 -13.29
C ASP A 420 14.56 -1.04 -13.44
N TYR A 421 13.99 -0.19 -14.30
CA TYR A 421 12.54 -0.12 -14.43
C TYR A 421 11.93 -1.43 -14.93
N GLY A 422 12.69 -2.21 -15.69
CA GLY A 422 12.21 -3.51 -16.15
C GLY A 422 12.10 -4.56 -15.05
N GLN A 423 12.87 -4.41 -13.98
CA GLN A 423 12.89 -5.34 -12.86
C GLN A 423 12.15 -4.80 -11.62
N LEU A 424 11.71 -3.54 -11.66
CA LEU A 424 11.09 -2.88 -10.53
C LEU A 424 9.86 -3.66 -10.04
N GLN A 425 9.83 -3.93 -8.74
CA GLN A 425 8.69 -4.52 -8.04
C GLN A 425 8.43 -3.69 -6.79
N LEU A 426 7.15 -3.36 -6.59
CA LEU A 426 6.71 -2.54 -5.47
C LEU A 426 5.72 -3.32 -4.61
N SER A 427 5.88 -3.22 -3.29
CA SER A 427 4.91 -3.81 -2.37
C SER A 427 3.64 -2.95 -2.33
N THR A 428 2.65 -3.35 -1.55
CA THR A 428 1.44 -2.53 -1.45
C THR A 428 1.67 -1.21 -0.70
N GLU A 429 2.82 -1.11 -0.04
CA GLU A 429 3.29 0.10 0.64
C GLU A 429 4.33 0.84 -0.21
N ALA A 430 4.48 0.41 -1.47
CA ALA A 430 5.47 0.94 -2.42
C ALA A 430 6.91 0.69 -1.99
N ASN A 431 7.15 -0.26 -1.08
CA ASN A 431 8.53 -0.64 -0.83
C ASN A 431 9.08 -1.38 -2.03
N VAL A 432 10.25 -0.93 -2.48
CA VAL A 432 10.88 -1.55 -3.63
C VAL A 432 11.54 -2.85 -3.16
N LEU A 433 11.07 -3.95 -3.74
CA LEU A 433 11.52 -5.28 -3.37
C LEU A 433 12.35 -5.94 -4.47
N ARG A 434 12.51 -5.25 -5.60
CA ARG A 434 13.40 -5.66 -6.68
C ARG A 434 13.60 -4.45 -7.57
N GLY A 435 14.79 -4.35 -8.16
CA GLY A 435 15.07 -3.33 -9.17
C GLY A 435 16.01 -2.22 -8.78
N PHE A 436 16.65 -2.27 -7.61
CA PHE A 436 17.66 -1.25 -7.32
C PHE A 436 18.89 -1.46 -8.21
N ARG A 437 19.43 -0.37 -8.73
CA ARG A 437 20.69 -0.37 -9.45
C ARG A 437 21.65 0.50 -8.63
N LYS A 438 22.51 -0.15 -7.87
CA LYS A 438 23.42 0.58 -7.01
C LYS A 438 24.41 1.40 -7.84
N VAL A 439 24.88 2.50 -7.26
CA VAL A 439 25.80 3.41 -7.92
C VAL A 439 27.22 2.86 -7.85
#